data_2R6S
#
_entry.id   2R6S
#
_cell.length_a   120.900
_cell.length_b   120.900
_cell.length_c   137.170
_cell.angle_alpha   90.00
_cell.angle_beta   90.00
_cell.angle_gamma   90.00
#
_symmetry.space_group_name_H-M   'I 4 2 2'
#
loop_
_entity.id
_entity.type
_entity.pdbx_description
1 polymer 'Gab protein'
2 non-polymer 'FE (II) ION'
3 non-polymer 'SULFATE ION'
4 non-polymer BICINE
5 non-polymer GLYCEROL
6 water water
#
_entity_poly.entity_id   1
_entity_poly.type   'polypeptide(L)'
_entity_poly.pdbx_seq_one_letter_code
;MNALTAVHNNAVDSGQDYSGFTLTPSAQSPRLLELTFTEQTTKQFLEQVAEWPVQALEYKSFLRFRVGKILDDLCANQLQ
PLLLKTLLNRAEGALLINAVGIDDVAQADEMVKLATAVAHLIGRSNFDAMSGQYYARFVVKNVDNSDSYLRQPHRVMELH
NDGTYVEEITDYVLMMKIDEQNMQGGNSLLLHLDDWEHLDHYFRHPLARRPMRFAAPPSKNVSKDVFHPVFDVDQQGRPV
MRYIDQFVQPKDFEEGVWLSELSDAIETSKGILSVPVPVGKFLLINNLFWLHGRDRFTPHPDLRRELMRQRGYFAYATHH
YQTHQ
;
_entity_poly.pdbx_strand_id   A
#
# COMPACT_ATOMS: atom_id res chain seq x y z
N GLY A 15 -22.22 7.49 1.15
CA GLY A 15 -21.32 6.91 2.20
C GLY A 15 -21.42 7.59 3.56
N GLN A 16 -21.03 6.86 4.60
CA GLN A 16 -21.46 7.13 5.97
C GLN A 16 -20.66 8.23 6.71
N ASP A 17 -21.27 8.70 7.80
CA ASP A 17 -20.69 9.69 8.70
C ASP A 17 -20.30 9.03 10.03
N TYR A 18 -19.04 9.21 10.39
CA TYR A 18 -18.43 8.67 11.58
C TYR A 18 -18.02 9.90 12.35
N SER A 19 -17.51 9.72 13.56
CA SER A 19 -17.05 10.89 14.31
C SER A 19 -15.66 11.31 13.81
N GLY A 20 -15.57 12.48 13.19
CA GLY A 20 -14.31 13.06 12.78
C GLY A 20 -13.92 12.81 11.32
N PHE A 21 -14.67 11.95 10.64
CA PHE A 21 -14.38 11.67 9.25
C PHE A 21 -15.60 11.14 8.54
N THR A 22 -15.52 11.15 7.21
CA THR A 22 -16.54 10.57 6.34
C THR A 22 -15.89 9.49 5.47
N LEU A 23 -16.71 8.57 4.99
CA LEU A 23 -16.25 7.42 4.21
C LEU A 23 -17.22 7.22 3.05
N THR A 24 -16.70 7.07 1.83
CA THR A 24 -17.55 6.87 0.65
C THR A 24 -16.83 5.98 -0.37
N PRO A 25 -17.60 5.23 -1.17
CA PRO A 25 -16.95 4.44 -2.23
C PRO A 25 -16.27 5.28 -3.33
N SER A 26 -15.20 4.76 -3.91
CA SER A 26 -14.51 5.47 -4.93
C SER A 26 -15.30 5.39 -6.24
N ALA A 27 -14.92 6.21 -7.19
CA ALA A 27 -15.46 6.16 -8.54
C ALA A 27 -14.93 4.96 -9.33
N GLN A 28 -13.83 4.34 -8.85
CA GLN A 28 -13.24 3.24 -9.59
C GLN A 28 -13.80 1.89 -9.19
N SER A 29 -14.17 1.75 -7.93
CA SER A 29 -14.62 0.47 -7.39
C SER A 29 -15.30 0.63 -6.04
N PRO A 30 -16.32 -0.20 -5.74
CA PRO A 30 -16.86 -0.25 -4.39
C PRO A 30 -15.92 -0.91 -3.38
N ARG A 31 -14.85 -1.57 -3.85
CA ARG A 31 -13.88 -2.24 -2.96
C ARG A 31 -12.91 -1.26 -2.33
N LEU A 32 -12.75 -0.11 -2.98
CA LEU A 32 -11.85 0.95 -2.55
C LEU A 32 -12.67 2.09 -2.00
N LEU A 33 -12.51 2.38 -0.70
CA LEU A 33 -13.26 3.40 -0.03
C LEU A 33 -12.40 4.61 0.29
N GLU A 34 -13.03 5.79 0.23
CA GLU A 34 -12.36 7.04 0.41
C GLU A 34 -12.69 7.64 1.76
N LEU A 35 -11.67 7.82 2.59
CA LEU A 35 -11.84 8.28 3.98
C LEU A 35 -11.25 9.66 4.05
N THR A 36 -12.05 10.63 4.48
CA THR A 36 -11.63 12.02 4.56
C THR A 36 -11.84 12.54 5.98
N PHE A 37 -10.77 12.96 6.63
CA PHE A 37 -10.89 13.56 7.96
C PHE A 37 -11.42 15.01 7.80
N THR A 38 -12.36 15.38 8.67
CA THR A 38 -12.93 16.74 8.68
C THR A 38 -11.84 17.74 8.98
N GLU A 39 -12.06 18.97 8.55
CA GLU A 39 -11.16 20.08 8.84
C GLU A 39 -10.88 20.25 10.34
N GLN A 40 -11.90 20.05 11.15
CA GLN A 40 -11.78 20.21 12.59
C GLN A 40 -10.92 19.12 13.23
N THR A 41 -11.14 17.87 12.83
CA THR A 41 -10.29 16.76 13.25
C THR A 41 -8.84 17.06 12.89
N THR A 42 -8.64 17.51 11.66
CA THR A 42 -7.32 17.77 11.11
C THR A 42 -6.61 18.85 11.89
N LYS A 43 -7.32 19.95 12.13
CA LYS A 43 -6.82 21.08 12.89
C LYS A 43 -6.37 20.63 14.27
N GLN A 44 -7.22 19.88 14.95
CA GLN A 44 -6.92 19.43 16.31
C GLN A 44 -5.79 18.41 16.34
N PHE A 45 -5.76 17.52 15.35
CA PHE A 45 -4.66 16.54 15.25
C PHE A 45 -3.31 17.25 15.16
N LEU A 46 -3.24 18.22 14.27
CA LEU A 46 -2.00 18.94 14.04
C LEU A 46 -1.57 19.76 15.27
N GLU A 47 -2.52 20.38 15.96
CA GLU A 47 -2.22 21.03 17.25
C GLU A 47 -1.61 20.02 18.23
N GLN A 48 -2.30 18.89 18.37
CA GLN A 48 -1.95 17.94 19.42
C GLN A 48 -0.70 17.14 19.11
N VAL A 49 -0.22 17.16 17.88
CA VAL A 49 1.05 16.47 17.54
C VAL A 49 2.20 17.43 17.18
N ALA A 50 1.97 18.74 17.35
CA ALA A 50 2.96 19.76 16.99
C ALA A 50 4.27 19.62 17.76
N GLU A 51 4.21 19.01 18.94
CA GLU A 51 5.39 18.96 19.78
C GLU A 51 6.43 17.91 19.37
N TRP A 52 6.02 16.97 18.52
CA TRP A 52 6.92 15.97 17.96
C TRP A 52 7.09 16.22 16.48
N PRO A 53 8.25 16.75 16.10
CA PRO A 53 8.55 16.84 14.70
C PRO A 53 8.78 15.45 14.11
N VAL A 54 8.65 15.31 12.79
CA VAL A 54 8.85 14.05 12.13
C VAL A 54 10.14 13.37 12.59
N GLN A 55 11.12 14.20 12.92
CA GLN A 55 12.45 13.77 13.36
CA GLN A 55 12.44 13.71 13.29
C GLN A 55 12.37 12.93 14.63
N ALA A 56 11.51 13.38 15.53
CA ALA A 56 11.23 12.67 16.77
C ALA A 56 10.61 11.29 16.47
N LEU A 57 9.66 11.25 15.53
CA LEU A 57 9.02 9.99 15.12
C LEU A 57 10.03 9.02 14.52
N GLU A 58 11.02 9.56 13.81
CA GLU A 58 12.06 8.72 13.22
C GLU A 58 12.95 8.10 14.28
N TYR A 59 13.29 8.86 15.34
CA TYR A 59 14.19 8.32 16.39
C TYR A 59 13.48 7.41 17.41
N LYS A 60 12.25 7.75 17.80
CA LYS A 60 11.52 7.04 18.84
C LYS A 60 10.24 6.40 18.29
N SER A 61 10.31 5.11 17.99
CA SER A 61 9.21 4.45 17.30
C SER A 61 7.94 4.43 18.10
N PHE A 62 8.01 4.56 19.42
CA PHE A 62 6.78 4.55 20.22
C PHE A 62 5.90 5.77 19.94
N LEU A 63 6.53 6.83 19.45
CA LEU A 63 5.83 8.08 19.14
C LEU A 63 4.91 7.91 17.91
N ARG A 64 5.29 6.99 17.04
CA ARG A 64 4.51 6.61 15.90
C ARG A 64 3.17 6.05 16.35
N PHE A 65 3.17 5.24 17.42
CA PHE A 65 1.90 4.72 17.98
C PHE A 65 1.15 5.82 18.75
N ARG A 66 1.89 6.71 19.42
CA ARG A 66 1.23 7.79 20.18
C ARG A 66 0.43 8.72 19.25
N VAL A 67 1.06 9.17 18.17
CA VAL A 67 0.34 10.01 17.20
C VAL A 67 -0.84 9.25 16.63
N GLY A 68 -0.72 7.93 16.47
CA GLY A 68 -1.90 7.11 16.17
C GLY A 68 -3.04 7.28 17.19
N LYS A 69 -2.72 7.08 18.47
CA LYS A 69 -3.70 7.25 19.55
C LYS A 69 -4.40 8.62 19.52
N ILE A 70 -3.61 9.67 19.33
CA ILE A 70 -4.15 11.03 19.33
C ILE A 70 -5.23 11.15 18.25
N LEU A 71 -4.95 10.63 17.03
CA LEU A 71 -5.92 10.76 15.92
C LEU A 71 -7.18 9.97 16.20
N ASP A 72 -7.03 8.74 16.71
CA ASP A 72 -8.18 7.85 16.97
C ASP A 72 -9.05 8.40 18.09
N ASP A 73 -8.40 8.90 19.15
CA ASP A 73 -9.07 9.59 20.24
C ASP A 73 -9.89 10.78 19.72
N LEU A 74 -9.37 11.51 18.73
CA LEU A 74 -10.10 12.64 18.14
C LEU A 74 -11.31 12.16 17.34
N CYS A 75 -11.34 10.87 16.98
CA CYS A 75 -12.48 10.30 16.23
C CYS A 75 -13.33 9.42 17.12
N ALA A 76 -13.39 9.74 18.40
CA ALA A 76 -14.18 9.00 19.40
C ALA A 76 -13.86 7.54 19.34
N ASN A 77 -12.59 7.20 19.11
CA ASN A 77 -12.19 5.81 18.97
C ASN A 77 -12.97 4.99 17.93
N GLN A 78 -13.52 5.68 16.91
CA GLN A 78 -14.19 5.01 15.79
C GLN A 78 -13.25 4.72 14.62
N LEU A 79 -12.06 5.32 14.62
CA LEU A 79 -11.16 5.23 13.47
C LEU A 79 -10.50 3.87 13.38
N GLN A 80 -9.81 3.49 14.45
CA GLN A 80 -9.07 2.24 14.50
C GLN A 80 -9.92 1.04 14.10
N PRO A 81 -11.08 0.83 14.75
CA PRO A 81 -11.90 -0.31 14.30
C PRO A 81 -12.39 -0.25 12.85
N LEU A 82 -12.58 0.94 12.31
CA LEU A 82 -13.04 1.09 10.93
C LEU A 82 -11.94 0.76 9.97
N LEU A 83 -10.74 1.28 10.23
CA LEU A 83 -9.54 0.96 9.41
C LEU A 83 -9.32 -0.53 9.35
N LEU A 84 -9.41 -1.18 10.50
CA LEU A 84 -9.15 -2.64 10.55
C LEU A 84 -10.24 -3.47 9.85
N LYS A 85 -11.47 -3.12 10.11
CA LYS A 85 -12.61 -3.79 9.48
C LYS A 85 -12.51 -3.64 7.97
N THR A 86 -12.14 -2.47 7.48
CA THR A 86 -12.02 -2.26 6.03
C THR A 86 -10.83 -3.02 5.43
N LEU A 87 -9.68 -2.90 6.05
CA LEU A 87 -8.47 -3.51 5.50
C LEU A 87 -8.51 -5.04 5.51
N LEU A 88 -9.17 -5.60 6.52
CA LEU A 88 -9.27 -7.05 6.66
C LEU A 88 -10.46 -7.64 5.92
N ASN A 89 -11.43 -6.82 5.53
CA ASN A 89 -12.59 -7.28 4.79
C ASN A 89 -12.18 -7.70 3.38
N ARG A 90 -12.32 -8.98 3.08
CA ARG A 90 -11.99 -9.51 1.74
C ARG A 90 -12.67 -8.78 0.59
N ALA A 91 -13.88 -8.29 0.82
CA ALA A 91 -14.68 -7.63 -0.22
C ALA A 91 -14.16 -6.24 -0.53
N GLU A 92 -13.37 -5.67 0.39
CA GLU A 92 -12.81 -4.32 0.25
C GLU A 92 -11.27 -4.38 0.34
N GLY A 93 -10.68 -3.96 1.47
CA GLY A 93 -9.23 -4.09 1.69
C GLY A 93 -8.37 -2.95 1.19
N ALA A 94 -9.00 -1.85 0.78
CA ALA A 94 -8.23 -0.73 0.24
C ALA A 94 -8.89 0.57 0.64
N LEU A 95 -8.05 1.56 0.99
CA LEU A 95 -8.54 2.88 1.33
C LEU A 95 -7.68 3.95 0.67
N LEU A 96 -8.34 5.05 0.35
CA LEU A 96 -7.72 6.30 -0.10
C LEU A 96 -8.08 7.33 0.94
N ILE A 97 -7.07 7.91 1.59
CA ILE A 97 -7.28 8.65 2.82
C ILE A 97 -6.72 10.04 2.64
N ASN A 98 -7.42 11.01 3.20
CA ASN A 98 -6.97 12.38 3.19
C ASN A 98 -7.55 13.15 4.36
N ALA A 99 -6.99 14.33 4.60
CA ALA A 99 -7.44 15.19 5.68
C ALA A 99 -7.68 16.58 5.07
N VAL A 100 -8.87 17.13 5.29
CA VAL A 100 -9.20 18.46 4.77
C VAL A 100 -8.23 19.50 5.36
N GLY A 101 -7.51 20.21 4.49
CA GLY A 101 -6.54 21.23 4.92
C GLY A 101 -5.07 20.85 4.70
N ILE A 102 -4.81 19.55 4.44
CA ILE A 102 -3.46 19.05 4.16
C ILE A 102 -3.49 18.60 2.69
N ASP A 103 -2.97 19.47 1.83
CA ASP A 103 -3.08 19.27 0.38
C ASP A 103 -2.04 20.04 -0.41
N ASP A 104 -0.91 20.37 0.20
CA ASP A 104 0.17 21.09 -0.47
C ASP A 104 1.51 20.55 -0.02
N VAL A 105 2.46 20.50 -0.95
CA VAL A 105 3.81 20.01 -0.65
C VAL A 105 4.47 20.71 0.53
N ALA A 106 4.11 21.97 0.80
CA ALA A 106 4.69 22.70 1.94
C ALA A 106 4.35 22.01 3.25
N GLN A 107 3.31 21.17 3.20
CA GLN A 107 2.80 20.44 4.37
C GLN A 107 3.29 18.99 4.45
N ALA A 108 4.40 18.68 3.80
CA ALA A 108 4.89 17.30 3.71
C ALA A 108 5.08 16.64 5.07
N ASP A 109 5.61 17.40 6.04
CA ASP A 109 5.81 16.85 7.38
C ASP A 109 4.48 16.47 8.01
N GLU A 110 3.50 17.35 7.86
CA GLU A 110 2.19 17.08 8.39
CA GLU A 110 2.16 17.07 8.35
C GLU A 110 1.63 15.83 7.67
N MET A 111 1.92 15.69 6.39
CA MET A 111 1.48 14.53 5.66
C MET A 111 2.06 13.26 6.22
N VAL A 112 3.35 13.29 6.55
CA VAL A 112 4.02 12.12 7.08
C VAL A 112 3.39 11.77 8.42
N LYS A 113 3.12 12.78 9.24
CA LYS A 113 2.53 12.51 10.56
C LYS A 113 1.20 11.82 10.46
N LEU A 114 0.38 12.29 9.51
CA LEU A 114 -0.95 11.70 9.30
C LEU A 114 -0.86 10.26 8.86
N ALA A 115 -0.08 10.02 7.82
CA ALA A 115 0.09 8.68 7.29
C ALA A 115 0.62 7.71 8.36
N THR A 116 1.55 8.22 9.18
CA THR A 116 2.15 7.47 10.26
C THR A 116 1.13 7.09 11.33
N ALA A 117 0.29 8.05 11.67
CA ALA A 117 -0.73 7.84 12.69
C ALA A 117 -1.70 6.76 12.26
N VAL A 118 -2.17 6.83 11.01
CA VAL A 118 -3.09 5.84 10.49
C VAL A 118 -2.42 4.47 10.45
N ALA A 119 -1.18 4.40 9.96
CA ALA A 119 -0.50 3.08 9.84
C ALA A 119 -0.33 2.41 11.18
N HIS A 120 0.05 3.18 12.19
CA HIS A 120 0.33 2.61 13.51
C HIS A 120 -0.89 2.42 14.40
N LEU A 121 -2.09 2.65 13.87
CA LEU A 121 -3.32 2.16 14.46
C LEU A 121 -3.65 0.75 13.99
N ILE A 122 -3.12 0.36 12.84
CA ILE A 122 -3.41 -0.95 12.30
C ILE A 122 -2.23 -1.90 12.35
N GLY A 123 -1.03 -1.41 12.62
CA GLY A 123 0.14 -2.27 12.66
C GLY A 123 1.43 -1.53 12.89
N ARG A 124 2.49 -1.92 12.22
CA ARG A 124 3.77 -1.21 12.34
C ARG A 124 4.48 -1.22 11.02
N SER A 125 5.03 -0.07 10.65
CA SER A 125 5.77 0.12 9.44
C SER A 125 7.21 -0.37 9.58
N ASN A 126 7.66 -1.13 8.59
CA ASN A 126 8.98 -1.70 8.58
C ASN A 126 10.07 -0.74 8.06
N PHE A 127 11.28 -0.96 8.57
CA PHE A 127 12.49 -0.34 8.10
C PHE A 127 12.52 -0.38 6.61
N ASP A 128 12.84 0.76 6.02
CA ASP A 128 12.93 0.89 4.57
C ASP A 128 14.41 1.07 4.19
N ALA A 129 14.95 0.15 3.43
CA ALA A 129 16.39 0.20 3.15
C ALA A 129 16.79 1.36 2.25
N MET A 130 15.85 1.94 1.50
CA MET A 130 16.18 3.08 0.64
CA MET A 130 16.15 3.10 0.63
C MET A 130 16.43 4.36 1.44
N SER A 131 15.73 4.54 2.53
CA SER A 131 15.84 5.76 3.31
C SER A 131 16.57 5.57 4.64
N GLY A 132 16.72 4.32 5.08
CA GLY A 132 17.22 4.05 6.42
C GLY A 132 16.23 4.46 7.51
N GLN A 133 14.96 4.65 7.15
CA GLN A 133 13.91 5.03 8.12
C GLN A 133 12.63 4.20 7.91
N TYR A 134 11.63 4.43 8.76
CA TYR A 134 10.37 3.66 8.73
C TYR A 134 9.44 4.05 7.56
N TYR A 135 9.81 5.14 6.89
CA TYR A 135 9.19 5.56 5.65
C TYR A 135 10.30 6.04 4.72
N ALA A 136 9.95 6.21 3.45
CA ALA A 136 10.84 6.74 2.43
C ALA A 136 10.10 7.75 1.54
N ARG A 137 10.73 8.91 1.32
CA ARG A 137 10.26 9.91 0.38
C ARG A 137 11.21 9.93 -0.81
N PHE A 138 10.63 10.04 -2.01
CA PHE A 138 11.28 9.95 -3.31
CA PHE A 138 11.43 10.14 -3.20
C PHE A 138 10.80 11.11 -4.16
N VAL A 139 11.68 11.77 -4.90
CA VAL A 139 11.30 12.76 -5.89
C VAL A 139 11.59 12.19 -7.28
N VAL A 140 10.61 12.36 -8.16
CA VAL A 140 10.72 12.05 -9.58
C VAL A 140 10.71 13.40 -10.35
N LYS A 141 11.73 13.60 -11.16
CA LYS A 141 11.83 14.77 -12.04
C LYS A 141 12.61 14.36 -13.27
N ASN A 142 12.57 15.20 -14.31
N ASN A 142 12.86 15.32 -14.16
CA ASN A 142 12.98 14.82 -15.68
CA ASN A 142 13.92 15.22 -15.20
C ASN A 142 14.52 14.86 -15.86
C ASN A 142 14.43 13.80 -15.50
N TYR A 149 16.20 2.14 -17.59
CA TYR A 149 15.09 1.32 -18.11
C TYR A 149 13.93 1.28 -17.11
N LEU A 150 14.26 1.17 -15.83
CA LEU A 150 13.26 1.00 -14.78
C LEU A 150 12.68 2.35 -14.37
N ARG A 151 13.46 3.41 -14.60
CA ARG A 151 13.09 4.78 -14.23
C ARG A 151 12.16 5.46 -15.25
N GLN A 152 11.58 4.69 -16.16
CA GLN A 152 11.05 5.26 -17.40
C GLN A 152 9.54 5.66 -17.44
N PRO A 153 9.28 6.89 -17.89
CA PRO A 153 7.93 7.43 -17.96
C PRO A 153 7.01 6.54 -18.78
N HIS A 154 7.37 6.25 -20.04
CA HIS A 154 6.54 5.43 -20.94
CA HIS A 154 6.49 5.43 -20.92
C HIS A 154 6.47 3.95 -20.53
N ARG A 155 7.10 3.62 -19.40
CA ARG A 155 7.01 2.28 -18.87
C ARG A 155 5.91 2.23 -17.78
N VAL A 156 4.91 1.38 -18.01
CA VAL A 156 4.07 0.91 -16.94
C VAL A 156 4.91 0.09 -15.96
N MET A 157 4.74 0.35 -14.66
N MET A 157 4.80 0.36 -14.64
CA MET A 157 5.26 -0.52 -13.63
CA MET A 157 5.32 -0.57 -13.62
C MET A 157 4.22 -1.64 -13.39
C MET A 157 4.25 -1.64 -13.39
N GLU A 158 4.61 -2.88 -13.68
CA GLU A 158 3.70 -4.03 -13.62
C GLU A 158 3.12 -4.28 -12.24
N LEU A 159 1.91 -4.82 -12.23
CA LEU A 159 1.22 -5.19 -11.00
C LEU A 159 2.05 -6.21 -10.23
N HIS A 160 2.11 -6.01 -8.91
CA HIS A 160 2.87 -6.86 -8.05
C HIS A 160 2.42 -6.74 -6.58
N ASN A 161 2.97 -7.62 -5.75
CA ASN A 161 2.92 -7.49 -4.33
C ASN A 161 4.30 -7.05 -3.83
N ASP A 162 4.31 -6.27 -2.76
CA ASP A 162 5.57 -5.98 -2.08
C ASP A 162 5.97 -7.10 -1.12
N GLY A 163 7.23 -7.07 -0.73
CA GLY A 163 7.71 -7.95 0.35
C GLY A 163 7.94 -9.39 -0.04
N THR A 164 8.07 -9.68 -1.32
CA THR A 164 8.14 -11.06 -1.78
C THR A 164 9.50 -11.77 -1.55
N TYR A 165 10.57 -11.06 -1.20
CA TYR A 165 11.88 -11.71 -1.07
C TYR A 165 12.44 -11.76 0.37
N VAL A 166 11.58 -11.48 1.37
CA VAL A 166 11.89 -11.71 2.80
C VAL A 166 10.92 -12.75 3.39
N GLU A 167 11.29 -13.36 4.52
CA GLU A 167 10.50 -14.47 5.06
C GLU A 167 9.19 -13.95 5.66
N GLU A 168 9.31 -12.80 6.31
CA GLU A 168 8.19 -12.14 6.96
C GLU A 168 7.21 -11.58 5.93
N ILE A 169 5.93 -11.63 6.24
CA ILE A 169 4.89 -11.10 5.38
C ILE A 169 4.65 -9.58 5.59
N THR A 170 4.63 -8.84 4.48
CA THR A 170 4.17 -7.46 4.39
C THR A 170 2.65 -7.50 4.16
N ASP A 171 1.90 -6.98 5.13
CA ASP A 171 0.42 -6.99 5.08
C ASP A 171 -0.15 -5.76 4.38
N TYR A 172 0.54 -4.62 4.49
CA TYR A 172 0.02 -3.41 3.90
C TYR A 172 1.06 -2.61 3.18
N VAL A 173 0.59 -1.89 2.15
CA VAL A 173 1.39 -0.96 1.37
C VAL A 173 0.68 0.37 1.44
N LEU A 174 1.46 1.39 1.78
CA LEU A 174 1.00 2.77 1.85
C LEU A 174 1.80 3.62 0.87
N MET A 175 1.11 4.30 -0.05
CA MET A 175 1.73 5.19 -1.06
CA MET A 175 1.74 5.20 -1.02
C MET A 175 1.02 6.55 -0.99
N MET A 176 1.76 7.59 -0.59
CA MET A 176 1.21 8.93 -0.44
C MET A 176 1.78 9.88 -1.45
N LYS A 177 0.92 10.74 -2.01
CA LYS A 177 1.36 11.74 -2.96
C LYS A 177 1.72 13.01 -2.24
N ILE A 178 3.01 13.38 -2.27
CA ILE A 178 3.49 14.56 -1.51
C ILE A 178 3.52 15.81 -2.44
N ASP A 179 3.92 15.64 -3.69
CA ASP A 179 3.91 16.74 -4.66
C ASP A 179 3.56 16.22 -6.05
N GLU A 180 2.99 17.11 -6.86
CA GLU A 180 2.58 16.81 -8.22
C GLU A 180 2.54 18.11 -9.04
N GLN A 181 3.47 18.23 -9.97
CA GLN A 181 3.56 19.40 -10.85
CA GLN A 181 3.58 19.40 -10.85
C GLN A 181 3.82 18.93 -12.28
N ASN A 182 3.07 19.48 -13.22
CA ASN A 182 3.25 19.17 -14.64
C ASN A 182 3.29 17.66 -14.94
N MET A 183 2.30 16.94 -14.39
CA MET A 183 2.19 15.49 -14.51
C MET A 183 0.95 15.08 -15.28
N GLN A 184 1.16 14.31 -16.35
CA GLN A 184 0.09 13.66 -17.10
C GLN A 184 0.25 12.15 -16.89
N GLY A 185 -0.78 11.48 -16.36
CA GLY A 185 -0.73 10.03 -16.16
C GLY A 185 -0.10 9.67 -14.82
N GLY A 186 0.47 8.47 -14.77
CA GLY A 186 1.12 7.99 -13.59
C GLY A 186 0.15 7.64 -12.48
N ASN A 187 -1.10 7.32 -12.81
CA ASN A 187 -2.05 6.80 -11.83
C ASN A 187 -1.52 5.52 -11.18
N SER A 188 -1.95 5.30 -9.94
CA SER A 188 -1.79 4.01 -9.31
C SER A 188 -2.69 3.00 -9.99
N LEU A 189 -2.13 1.83 -10.31
CA LEU A 189 -2.90 0.70 -10.78
C LEU A 189 -3.12 -0.27 -9.63
N LEU A 190 -4.32 -0.86 -9.57
CA LEU A 190 -4.65 -1.83 -8.55
C LEU A 190 -5.41 -2.99 -9.15
N LEU A 191 -5.17 -4.19 -8.63
CA LEU A 191 -6.01 -5.34 -8.94
C LEU A 191 -6.33 -6.18 -7.71
N HIS A 192 -7.62 -6.25 -7.40
CA HIS A 192 -8.14 -7.14 -6.38
C HIS A 192 -8.23 -8.52 -6.98
N LEU A 193 -7.68 -9.53 -6.28
CA LEU A 193 -7.66 -10.87 -6.83
C LEU A 193 -9.08 -11.34 -7.24
N ASP A 194 -10.10 -10.94 -6.50
CA ASP A 194 -11.49 -11.35 -6.80
C ASP A 194 -12.10 -10.64 -7.99
N ASP A 195 -11.40 -9.66 -8.58
CA ASP A 195 -11.82 -8.99 -9.85
C ASP A 195 -10.98 -9.51 -11.01
N TRP A 196 -10.10 -10.47 -10.75
CA TRP A 196 -9.23 -10.98 -11.79
C TRP A 196 -9.88 -12.18 -12.46
N GLU A 197 -10.20 -12.03 -13.74
CA GLU A 197 -10.98 -13.04 -14.49
C GLU A 197 -10.25 -14.37 -14.74
N HIS A 198 -8.92 -14.39 -14.57
CA HIS A 198 -8.11 -15.58 -14.75
C HIS A 198 -7.62 -16.22 -13.44
N LEU A 199 -8.08 -15.77 -12.30
CA LEU A 199 -7.66 -16.33 -11.02
C LEU A 199 -7.78 -17.86 -10.97
N ASP A 200 -8.95 -18.37 -11.32
CA ASP A 200 -9.22 -19.80 -11.16
C ASP A 200 -8.25 -20.59 -12.01
N HIS A 201 -8.00 -20.11 -13.21
CA HIS A 201 -7.16 -20.82 -14.13
C HIS A 201 -5.74 -20.96 -13.59
N TYR A 202 -5.17 -19.89 -13.05
CA TYR A 202 -3.80 -19.93 -12.53
C TYR A 202 -3.73 -20.54 -11.12
N PHE A 203 -4.71 -20.26 -10.27
CA PHE A 203 -4.70 -20.78 -8.89
C PHE A 203 -4.80 -22.31 -8.88
N ARG A 204 -5.53 -22.87 -9.82
CA ARG A 204 -5.75 -24.32 -9.86
CA ARG A 204 -5.75 -24.32 -9.86
C ARG A 204 -4.67 -25.06 -10.60
N HIS A 205 -3.71 -24.33 -11.15
CA HIS A 205 -2.56 -24.94 -11.78
C HIS A 205 -1.60 -25.51 -10.73
N PRO A 206 -1.06 -26.72 -10.94
CA PRO A 206 -0.06 -27.23 -10.01
C PRO A 206 1.09 -26.29 -9.65
N LEU A 207 1.55 -25.44 -10.56
CA LEU A 207 2.68 -24.53 -10.23
C LEU A 207 2.29 -23.37 -9.28
N ALA A 208 0.98 -23.19 -9.07
CA ALA A 208 0.49 -22.19 -8.12
C ALA A 208 0.99 -22.52 -6.73
N ARG A 209 1.28 -23.79 -6.48
CA ARG A 209 1.70 -24.31 -5.17
C ARG A 209 3.18 -24.70 -5.07
N ARG A 210 3.90 -24.53 -6.15
CA ARG A 210 5.32 -24.84 -6.27
C ARG A 210 6.09 -23.73 -5.59
N PRO A 211 6.77 -24.04 -4.48
CA PRO A 211 7.69 -23.02 -3.98
C PRO A 211 8.73 -22.59 -5.03
N MET A 212 8.87 -21.29 -5.25
CA MET A 212 9.83 -20.78 -6.19
C MET A 212 10.78 -19.85 -5.46
N ARG A 213 11.98 -19.73 -6.01
CA ARG A 213 13.02 -18.86 -5.47
CA ARG A 213 13.03 -18.87 -5.49
C ARG A 213 12.71 -17.39 -5.74
N PHE A 214 12.86 -16.55 -4.71
CA PHE A 214 12.73 -15.13 -4.84
C PHE A 214 14.04 -14.56 -4.30
N ALA A 215 14.64 -13.64 -5.04
CA ALA A 215 15.94 -13.10 -4.71
C ALA A 215 15.96 -11.57 -4.75
N ALA A 216 16.51 -11.01 -3.68
CA ALA A 216 16.74 -9.58 -3.49
C ALA A 216 17.58 -8.90 -4.60
N PRO A 217 17.35 -7.60 -4.79
CA PRO A 217 18.13 -6.80 -5.73
C PRO A 217 19.45 -6.32 -5.10
N LYS A 224 19.95 -13.27 1.68
CA LYS A 224 19.69 -14.70 1.46
C LYS A 224 18.32 -14.95 0.77
N ASP A 225 18.32 -15.79 -0.26
CA ASP A 225 17.12 -16.10 -1.03
C ASP A 225 16.05 -16.82 -0.21
N VAL A 226 14.79 -16.59 -0.57
CA VAL A 226 13.63 -17.26 0.05
C VAL A 226 12.85 -18.05 -1.00
N PHE A 227 12.09 -19.04 -0.55
CA PHE A 227 11.35 -19.91 -1.41
C PHE A 227 9.92 -19.88 -0.92
N HIS A 228 9.01 -19.45 -1.78
CA HIS A 228 7.60 -19.58 -1.46
C HIS A 228 6.80 -19.65 -2.73
N PRO A 229 5.61 -20.23 -2.66
CA PRO A 229 4.80 -20.24 -3.88
C PRO A 229 4.34 -18.84 -4.23
N VAL A 230 3.87 -18.70 -5.47
CA VAL A 230 3.33 -17.50 -5.97
C VAL A 230 1.91 -17.23 -5.43
N PHE A 231 1.15 -18.28 -5.14
CA PHE A 231 -0.15 -18.15 -4.49
C PHE A 231 -0.11 -18.81 -3.14
N ASP A 232 -1.00 -18.38 -2.26
CA ASP A 232 -1.27 -19.11 -1.01
C ASP A 232 -2.76 -18.95 -0.74
N VAL A 233 -3.19 -19.26 0.47
CA VAL A 233 -4.59 -19.06 0.84
C VAL A 233 -4.66 -18.26 2.13
N ASP A 234 -5.75 -17.52 2.29
CA ASP A 234 -6.08 -16.93 3.56
C ASP A 234 -6.66 -17.99 4.51
N GLN A 235 -7.13 -17.57 5.67
CA GLN A 235 -7.67 -18.50 6.66
C GLN A 235 -8.89 -19.31 6.25
N GLN A 236 -9.61 -18.78 5.28
CA GLN A 236 -10.82 -19.40 4.76
CA GLN A 236 -10.84 -19.37 4.77
C GLN A 236 -10.59 -20.14 3.46
N GLY A 237 -9.34 -20.21 3.02
CA GLY A 237 -8.97 -21.00 1.84
C GLY A 237 -9.05 -20.20 0.55
N ARG A 238 -9.28 -18.90 0.65
CA ARG A 238 -9.38 -18.05 -0.51
C ARG A 238 -7.97 -17.63 -0.98
N PRO A 239 -7.74 -17.58 -2.30
CA PRO A 239 -6.44 -17.22 -2.83
C PRO A 239 -5.85 -15.90 -2.34
N VAL A 240 -4.55 -15.93 -2.06
CA VAL A 240 -3.76 -14.73 -1.88
C VAL A 240 -2.50 -14.90 -2.77
N MET A 241 -1.77 -13.80 -3.03
CA MET A 241 -0.61 -13.81 -3.91
C MET A 241 0.59 -13.17 -3.27
N ARG A 242 1.75 -13.69 -3.69
CA ARG A 242 3.03 -13.13 -3.34
CA ARG A 242 3.04 -13.15 -3.33
C ARG A 242 3.93 -13.14 -4.57
N TYR A 243 3.68 -12.19 -5.46
CA TYR A 243 4.24 -12.18 -6.80
C TYR A 243 4.86 -10.84 -7.21
N ILE A 244 6.03 -10.89 -7.84
CA ILE A 244 6.62 -9.72 -8.52
C ILE A 244 7.53 -10.29 -9.60
N ASP A 245 7.39 -9.77 -10.83
CA ASP A 245 8.17 -10.31 -11.97
C ASP A 245 9.69 -10.19 -11.88
N GLN A 246 10.17 -9.15 -11.21
CA GLN A 246 11.59 -8.84 -11.10
CA GLN A 246 11.59 -8.83 -11.10
C GLN A 246 12.36 -9.74 -10.14
N PHE A 247 11.70 -10.21 -9.08
CA PHE A 247 12.36 -10.98 -8.06
C PHE A 247 12.07 -12.45 -8.04
N VAL A 248 11.05 -12.92 -8.74
CA VAL A 248 10.81 -14.32 -8.89
C VAL A 248 11.82 -14.91 -9.87
N GLN A 249 12.31 -16.10 -9.55
CA GLN A 249 13.47 -16.68 -10.27
C GLN A 249 13.14 -18.12 -10.69
N PRO A 250 12.31 -18.27 -11.73
CA PRO A 250 11.98 -19.59 -12.26
C PRO A 250 13.21 -20.45 -12.44
N LYS A 251 13.18 -21.69 -11.98
CA LYS A 251 14.40 -22.51 -11.99
C LYS A 251 14.61 -23.24 -13.30
N ASP A 252 13.56 -23.32 -14.10
CA ASP A 252 13.61 -24.07 -15.38
C ASP A 252 12.56 -23.56 -16.40
N PHE A 253 12.55 -24.19 -17.59
CA PHE A 253 11.67 -23.81 -18.70
C PHE A 253 10.18 -23.94 -18.33
N GLU A 254 9.85 -24.91 -17.48
CA GLU A 254 8.48 -25.11 -17.04
C GLU A 254 7.94 -23.95 -16.24
N GLU A 255 8.67 -23.59 -15.18
CA GLU A 255 8.31 -22.49 -14.32
C GLU A 255 8.37 -21.17 -15.10
N GLY A 256 9.38 -21.01 -15.96
CA GLY A 256 9.55 -19.79 -16.75
C GLY A 256 8.39 -19.46 -17.66
N VAL A 257 8.02 -20.40 -18.53
CA VAL A 257 6.92 -20.17 -19.47
C VAL A 257 5.63 -19.88 -18.72
N TRP A 258 5.34 -20.67 -17.67
CA TRP A 258 4.11 -20.47 -16.90
C TRP A 258 4.07 -19.07 -16.27
N LEU A 259 5.19 -18.61 -15.68
CA LEU A 259 5.24 -17.29 -15.12
C LEU A 259 5.05 -16.21 -16.20
N SER A 260 5.62 -16.40 -17.40
CA SER A 260 5.44 -15.38 -18.45
C SER A 260 3.97 -15.29 -18.89
N GLU A 261 3.27 -16.42 -18.88
CA GLU A 261 1.83 -16.46 -19.13
C GLU A 261 0.99 -15.83 -18.01
N LEU A 262 1.34 -16.13 -16.75
CA LEU A 262 0.69 -15.51 -15.63
C LEU A 262 0.85 -13.98 -15.67
N SER A 263 2.07 -13.52 -15.94
CA SER A 263 2.33 -12.10 -16.08
C SER A 263 1.42 -11.43 -17.10
N ASP A 264 1.30 -12.03 -18.29
CA ASP A 264 0.42 -11.47 -19.31
C ASP A 264 -1.04 -11.48 -18.87
N ALA A 265 -1.45 -12.55 -18.19
CA ALA A 265 -2.78 -12.68 -17.69
C ALA A 265 -3.16 -11.65 -16.61
N ILE A 266 -2.20 -11.25 -15.75
CA ILE A 266 -2.38 -10.16 -14.79
C ILE A 266 -2.40 -8.79 -15.51
N GLU A 267 -1.40 -8.53 -16.35
CA GLU A 267 -1.27 -7.21 -16.96
C GLU A 267 -2.39 -6.83 -17.92
N THR A 268 -2.99 -7.79 -18.60
CA THR A 268 -4.08 -7.49 -19.52
C THR A 268 -5.47 -7.66 -18.87
N SER A 269 -5.52 -7.76 -17.54
CA SER A 269 -6.79 -7.98 -16.86
C SER A 269 -7.74 -6.78 -17.00
N LYS A 270 -9.02 -7.10 -17.19
CA LYS A 270 -10.07 -6.11 -17.26
C LYS A 270 -10.50 -5.61 -15.90
N GLY A 271 -10.03 -6.27 -14.84
CA GLY A 271 -10.35 -5.87 -13.47
C GLY A 271 -9.44 -4.84 -12.85
N ILE A 272 -8.41 -4.45 -13.59
CA ILE A 272 -7.45 -3.46 -13.10
C ILE A 272 -8.14 -2.10 -12.87
N LEU A 273 -7.84 -1.48 -11.72
CA LEU A 273 -8.30 -0.13 -11.40
C LEU A 273 -7.21 0.89 -11.72
N SER A 274 -7.59 2.08 -12.19
CA SER A 274 -6.65 3.19 -12.38
C SER A 274 -7.07 4.35 -11.52
N VAL A 275 -6.23 4.68 -10.52
CA VAL A 275 -6.61 5.57 -9.43
C VAL A 275 -5.67 6.77 -9.37
N PRO A 276 -6.23 7.98 -9.60
CA PRO A 276 -5.48 9.22 -9.38
C PRO A 276 -5.30 9.44 -7.90
N VAL A 277 -4.08 9.82 -7.48
CA VAL A 277 -3.82 10.07 -6.08
C VAL A 277 -3.40 11.52 -5.90
N PRO A 278 -4.36 12.40 -5.59
CA PRO A 278 -4.03 13.80 -5.49
C PRO A 278 -3.13 14.11 -4.30
N VAL A 279 -2.44 15.25 -4.37
CA VAL A 279 -1.51 15.64 -3.32
C VAL A 279 -2.26 15.69 -1.99
N GLY A 280 -1.65 15.08 -0.97
CA GLY A 280 -2.25 14.96 0.36
C GLY A 280 -3.00 13.68 0.62
N LYS A 281 -3.22 12.88 -0.42
CA LYS A 281 -3.96 11.64 -0.29
C LYS A 281 -3.00 10.47 -0.33
N PHE A 282 -3.41 9.39 0.30
CA PHE A 282 -2.61 8.17 0.23
C PHE A 282 -3.45 6.93 0.10
N LEU A 283 -2.95 6.00 -0.72
CA LEU A 283 -3.53 4.66 -0.79
C LEU A 283 -2.99 3.79 0.33
N LEU A 284 -3.89 3.04 0.96
CA LEU A 284 -3.51 2.08 1.98
C LEU A 284 -4.21 0.77 1.65
N ILE A 285 -3.45 -0.25 1.25
CA ILE A 285 -4.03 -1.49 0.74
C ILE A 285 -3.49 -2.76 1.42
N ASN A 286 -4.36 -3.77 1.50
CA ASN A 286 -4.02 -5.13 1.89
C ASN A 286 -3.22 -5.84 0.79
N ASN A 287 -1.92 -6.01 1.04
CA ASN A 287 -0.96 -6.54 0.08
C ASN A 287 -1.08 -8.05 -0.21
N LEU A 288 -2.02 -8.73 0.44
CA LEU A 288 -2.24 -10.16 0.19
C LEU A 288 -3.17 -10.45 -0.96
N PHE A 289 -4.24 -9.68 -1.09
CA PHE A 289 -5.21 -9.84 -2.17
C PHE A 289 -5.44 -8.60 -3.08
N TRP A 290 -4.62 -7.56 -2.90
CA TRP A 290 -4.46 -6.53 -3.92
C TRP A 290 -3.06 -6.56 -4.44
N LEU A 291 -2.93 -6.43 -5.76
CA LEU A 291 -1.67 -6.09 -6.41
C LEU A 291 -1.70 -4.60 -6.75
N HIS A 292 -0.52 -3.98 -6.82
CA HIS A 292 -0.42 -2.58 -7.21
C HIS A 292 0.70 -2.40 -8.22
N GLY A 293 0.63 -1.24 -8.90
CA GLY A 293 1.56 -0.90 -9.97
C GLY A 293 1.38 0.56 -10.30
N ARG A 294 1.99 0.99 -11.40
CA ARG A 294 1.89 2.40 -11.79
C ARG A 294 1.79 2.54 -13.29
N ASP A 295 0.92 3.42 -13.72
CA ASP A 295 0.72 3.65 -15.14
C ASP A 295 1.86 4.51 -15.66
N ARG A 296 2.04 4.52 -16.96
CA ARG A 296 3.01 5.40 -17.58
C ARG A 296 2.59 6.87 -17.41
N PHE A 297 3.56 7.76 -17.58
CA PHE A 297 3.28 9.17 -17.54
C PHE A 297 4.16 9.90 -18.57
N THR A 298 3.74 11.13 -18.89
CA THR A 298 4.40 11.95 -19.89
C THR A 298 5.58 12.68 -19.23
N PRO A 299 6.78 12.51 -19.79
CA PRO A 299 7.89 13.35 -19.36
C PRO A 299 7.70 14.80 -19.75
N HIS A 300 8.09 15.70 -18.85
CA HIS A 300 8.02 17.09 -19.09
C HIS A 300 9.18 17.70 -18.33
N PRO A 301 9.88 18.68 -18.93
CA PRO A 301 11.04 19.32 -18.32
C PRO A 301 10.80 19.84 -16.91
N ASP A 302 9.59 20.27 -16.62
CA ASP A 302 9.25 20.84 -15.30
C ASP A 302 8.37 19.92 -14.45
N LEU A 303 8.43 18.64 -14.77
CA LEU A 303 7.78 17.59 -13.99
C LEU A 303 8.38 17.48 -12.57
N ARG A 304 7.51 17.38 -11.57
CA ARG A 304 7.95 17.04 -10.25
C ARG A 304 6.86 16.24 -9.54
N ARG A 305 7.20 15.01 -9.19
CA ARG A 305 6.33 14.16 -8.38
C ARG A 305 7.09 13.74 -7.15
N GLU A 306 6.47 13.93 -6.00
CA GLU A 306 7.08 13.46 -4.77
C GLU A 306 6.10 12.49 -4.11
N LEU A 307 6.64 11.33 -3.69
CA LEU A 307 5.94 10.25 -3.03
C LEU A 307 6.57 9.92 -1.67
N MET A 308 5.79 9.23 -0.88
CA MET A 308 6.21 8.69 0.40
C MET A 308 5.63 7.30 0.44
N ARG A 309 6.42 6.34 0.90
CA ARG A 309 5.92 5.01 1.15
C ARG A 309 6.19 4.52 2.57
N GLN A 310 5.27 3.66 3.03
CA GLN A 310 5.45 2.79 4.18
C GLN A 310 4.90 1.40 3.84
N ARG A 311 5.54 0.40 4.41
CA ARG A 311 5.12 -0.98 4.28
C ARG A 311 5.23 -1.62 5.61
N GLY A 312 4.28 -2.47 5.99
CA GLY A 312 4.28 -2.99 7.34
C GLY A 312 3.43 -4.23 7.54
N TYR A 313 3.29 -4.61 8.80
CA TYR A 313 2.46 -5.76 9.14
C TYR A 313 1.28 -5.30 9.96
N PHE A 314 0.19 -6.06 9.92
CA PHE A 314 -0.95 -5.85 10.81
C PHE A 314 -0.65 -6.40 12.20
N ALA A 315 -1.14 -5.69 13.20
CA ALA A 315 -1.03 -6.05 14.60
C ALA A 315 -2.25 -5.41 15.27
N TYR A 316 -3.17 -6.22 15.78
CA TYR A 316 -4.45 -5.72 16.33
C TYR A 316 -5.00 -6.72 17.37
N ALA A 317 -5.85 -6.20 18.26
CA ALA A 317 -6.47 -7.00 19.31
C ALA A 317 -7.72 -7.67 18.80
N THR A 318 -7.90 -8.94 19.17
CA THR A 318 -9.17 -9.67 19.01
C THR A 318 -9.32 -10.63 20.19
N HIS A 319 -10.57 -11.05 20.42
CA HIS A 319 -10.91 -12.05 21.44
C HIS A 319 -10.54 -13.36 20.81
N HIS A 320 -9.43 -13.96 21.28
CA HIS A 320 -8.98 -15.28 20.79
C HIS A 320 -8.22 -16.05 21.88
N TYR A 321 -7.87 -17.30 21.60
CA TYR A 321 -7.34 -18.19 22.61
C TYR A 321 -5.87 -17.99 22.93
N GLN A 322 -5.55 -18.28 24.18
CA GLN A 322 -4.20 -18.24 24.70
C GLN A 322 -4.00 -19.35 25.73
N THR A 323 -2.76 -19.69 26.01
CA THR A 323 -2.46 -20.70 27.00
C THR A 323 -1.80 -20.04 28.20
N HIS A 324 -1.81 -20.75 29.33
CA HIS A 324 -1.14 -20.31 30.52
C HIS A 324 -1.68 -19.01 31.12
N GLN A 325 -0.93 -18.46 32.08
CA GLN A 325 -1.37 -17.26 32.78
C GLN A 325 -0.30 -16.19 32.68
#